data_4NB7
#
_entry.id   4NB7
#
_cell.length_a   177.510
_cell.length_b   177.510
_cell.length_c   177.510
_cell.angle_alpha   90.00
_cell.angle_beta   90.00
_cell.angle_gamma   90.00
#
_symmetry.space_group_name_H-M   'P 43 3 2'
#
loop_
_entity.id
_entity.type
_entity.pdbx_description
1 polymer 'Copper oxidase'
2 non-polymer 'COPPER (II) ION'
3 non-polymer 'AZIDE ION'
4 non-polymer 'TETRAETHYLENE GLYCOL'
5 non-polymer 3,6,9,12,15,18,21,24-OCTAOXAHEXACOSAN-1-OL
6 non-polymer 'HEXAETHYLENE GLYCOL'
7 non-polymer GLYCEROL
8 non-polymer 2-(2-(2-(2-(2-(2-ETHOXYETHOXY)ETHOXY)ETHOXY)ETHOXY)ETHOXY)ETHANOL
9 non-polymer 'PENTAETHYLENE GLYCOL'
10 water water
#
_entity_poly.entity_id   1
_entity_poly.type   'polypeptide(L)'
_entity_poly.pdbx_seq_one_letter_code
;MDRRGFNRRVLLGGAAAATSLSIAPEVAGAAPAAKGITARTAPAGGEVRHLKMYAEKLADGQMGYGFEKGKASVPGPLIE
VNEGDTLHIEFTNTMDVRASLHVHGLDYEISSDGTAMNKSDVEPGGTRTYTWRTHKPGRRDDGTWRPGSAGYWHYHDHVV
GTEHGTGGIRNGLYGPVIVRRKGDVLPDATHTIVFNDMTINNRKPHTGPDFEATVGDRVEIVMITHGEYYHTFHMHGHRW
ADNRTGILTGPDDPSRVIDNKITGPADSFGFQIIAGEGVGAGAWMYHCHVQSHSDMGMVGLFLVKKPDGTIPGYEPHEHG
GATAKSGESGEPTGGAAAHEHEH
;
_entity_poly.pdbx_strand_id   A
#
# COMPACT_ATOMS: atom_id res chain seq x y z
N GLY A 36 7.94 -15.38 14.90
CA GLY A 36 6.83 -15.30 15.84
C GLY A 36 6.42 -16.66 16.38
N ILE A 37 6.01 -16.71 17.64
CA ILE A 37 5.57 -17.96 18.28
C ILE A 37 4.42 -17.62 19.28
N THR A 38 3.83 -16.44 19.15
CA THR A 38 2.69 -15.99 19.99
C THR A 38 2.00 -14.85 19.24
N ALA A 39 2.72 -14.20 18.33
CA ALA A 39 2.08 -13.31 17.39
C ALA A 39 1.37 -14.21 16.37
N ARG A 40 0.31 -13.68 15.77
CA ARG A 40 -0.38 -14.42 14.72
C ARG A 40 0.45 -14.38 13.46
N THR A 41 0.53 -15.51 12.77
CA THR A 41 1.30 -15.56 11.54
C THR A 41 0.46 -16.05 10.36
N ALA A 42 0.89 -15.71 9.15
CA ALA A 42 0.13 -16.05 7.95
C ALA A 42 0.16 -17.55 7.67
N PRO A 43 -0.99 -18.10 7.28
CA PRO A 43 -1.10 -19.50 6.86
C PRO A 43 -0.58 -19.69 5.43
N ALA A 44 -0.54 -20.94 4.97
CA ALA A 44 -0.22 -21.18 3.58
C ALA A 44 -1.41 -20.83 2.70
N GLY A 45 -1.16 -20.22 1.54
CA GLY A 45 -2.13 -20.15 0.46
C GLY A 45 -1.97 -21.48 -0.25
N GLY A 46 -2.62 -21.68 -1.38
CA GLY A 46 -3.43 -20.67 -2.02
C GLY A 46 -4.82 -21.15 -2.38
N GLU A 47 -5.79 -20.31 -2.05
CA GLU A 47 -7.16 -20.51 -2.46
C GLU A 47 -7.39 -19.70 -3.71
N VAL A 48 -8.44 -20.05 -4.44
CA VAL A 48 -8.92 -19.16 -5.48
C VAL A 48 -9.93 -18.20 -4.88
N ARG A 49 -9.68 -16.91 -5.02
CA ARG A 49 -10.56 -15.91 -4.43
C ARG A 49 -11.16 -15.06 -5.53
N HIS A 50 -12.38 -14.61 -5.34
CA HIS A 50 -13.05 -13.73 -6.27
C HIS A 50 -13.36 -12.42 -5.59
N LEU A 51 -13.30 -11.31 -6.31
CA LEU A 51 -13.88 -10.09 -5.77
C LEU A 51 -14.25 -9.10 -6.87
N LYS A 52 -15.05 -8.12 -6.50
CA LYS A 52 -15.45 -7.06 -7.41
C LYS A 52 -14.71 -5.79 -7.10
N MET A 53 -14.28 -5.07 -8.13
CA MET A 53 -13.81 -3.72 -7.94
C MET A 53 -14.50 -2.83 -8.92
N TYR A 54 -14.62 -1.56 -8.54
CA TYR A 54 -15.22 -0.54 -9.36
C TYR A 54 -14.28 0.65 -9.44
N ALA A 55 -14.28 1.34 -10.57
CA ALA A 55 -13.66 2.65 -10.66
C ALA A 55 -14.75 3.69 -10.82
N GLU A 56 -14.81 4.69 -9.97
CA GLU A 56 -15.81 5.72 -10.20
C GLU A 56 -15.29 7.13 -10.04
N LYS A 57 -15.93 8.08 -10.72
CA LYS A 57 -15.64 9.48 -10.49
C LYS A 57 -16.32 9.97 -9.22
N LEU A 58 -15.57 10.70 -8.42
CA LEU A 58 -16.08 11.22 -7.18
C LEU A 58 -16.61 12.62 -7.43
N ALA A 59 -17.48 13.07 -6.54
CA ALA A 59 -18.19 14.32 -6.75
C ALA A 59 -17.26 15.54 -6.88
N ASP A 60 -16.11 15.49 -6.22
CA ASP A 60 -15.17 16.63 -6.24
C ASP A 60 -14.21 16.61 -7.42
N GLY A 61 -14.32 15.62 -8.29
CA GLY A 61 -13.43 15.56 -9.43
C GLY A 61 -12.40 14.45 -9.37
N GLN A 62 -12.21 13.88 -8.19
CA GLN A 62 -11.26 12.78 -8.04
C GLN A 62 -11.84 11.49 -8.58
N MET A 63 -11.01 10.45 -8.65
CA MET A 63 -11.43 9.13 -9.09
C MET A 63 -10.92 8.11 -8.09
N GLY A 64 -11.71 7.10 -7.75
CA GLY A 64 -11.24 6.14 -6.79
C GLY A 64 -11.71 4.73 -7.07
N TYR A 65 -11.03 3.76 -6.48
CA TYR A 65 -11.47 2.38 -6.55
C TYR A 65 -12.30 2.00 -5.33
N GLY A 66 -13.12 0.96 -5.47
CA GLY A 66 -13.91 0.48 -4.37
C GLY A 66 -14.32 -0.96 -4.62
N PHE A 67 -14.59 -1.69 -3.54
CA PHE A 67 -15.15 -3.03 -3.62
C PHE A 67 -16.65 -2.97 -3.87
N GLU A 68 -17.24 -1.79 -3.64
CA GLU A 68 -18.67 -1.57 -3.77
C GLU A 68 -18.97 -0.28 -4.49
N LYS A 69 -19.94 -0.32 -5.41
CA LYS A 69 -20.39 0.90 -6.07
C LYS A 69 -20.92 1.89 -5.04
N GLY A 70 -20.33 3.07 -4.99
CA GLY A 70 -20.80 4.08 -4.06
C GLY A 70 -19.89 4.19 -2.86
N LYS A 71 -18.94 3.27 -2.74
CA LYS A 71 -18.02 3.31 -1.63
C LYS A 71 -16.56 3.27 -2.06
N ALA A 72 -16.22 4.09 -3.04
CA ALA A 72 -14.85 4.19 -3.53
C ALA A 72 -14.00 5.06 -2.62
N SER A 73 -12.71 4.76 -2.54
CA SER A 73 -11.81 5.51 -1.67
C SER A 73 -10.47 5.82 -2.30
N VAL A 74 -9.81 6.86 -1.78
CA VAL A 74 -8.43 7.20 -2.10
C VAL A 74 -7.62 7.23 -0.82
N PRO A 75 -6.70 6.27 -0.63
CA PRO A 75 -6.34 5.13 -1.47
C PRO A 75 -7.48 4.13 -1.64
N GLY A 76 -7.36 3.27 -2.65
CA GLY A 76 -8.34 2.22 -2.85
C GLY A 76 -8.19 1.21 -1.73
N PRO A 77 -9.14 0.28 -1.64
CA PRO A 77 -9.10 -0.71 -0.55
C PRO A 77 -7.85 -1.60 -0.57
N LEU A 78 -7.38 -2.00 0.61
CA LEU A 78 -6.27 -2.92 0.71
C LEU A 78 -6.70 -4.28 0.18
N ILE A 79 -5.89 -4.87 -0.68
CA ILE A 79 -6.09 -6.25 -1.09
C ILE A 79 -4.97 -7.09 -0.50
N GLU A 80 -5.32 -8.08 0.31
CA GLU A 80 -4.32 -8.88 1.00
C GLU A 80 -4.54 -10.36 0.79
N VAL A 81 -3.53 -11.05 0.29
CA VAL A 81 -3.61 -12.50 0.04
C VAL A 81 -2.36 -13.22 0.54
N ASN A 82 -2.40 -14.56 0.45
CA ASN A 82 -1.27 -15.40 0.82
C ASN A 82 -0.61 -15.98 -0.42
N GLU A 83 0.71 -16.18 -0.34
CA GLU A 83 1.46 -16.72 -1.46
C GLU A 83 0.85 -18.03 -1.93
N GLY A 84 0.51 -18.09 -3.20
CA GLY A 84 -0.17 -19.25 -3.74
C GLY A 84 -1.59 -18.92 -4.12
N ASP A 85 -2.22 -17.97 -3.42
CA ASP A 85 -3.59 -17.57 -3.78
C ASP A 85 -3.69 -17.16 -5.25
N THR A 86 -4.86 -17.35 -5.83
CA THR A 86 -5.21 -16.73 -7.09
C THR A 86 -6.41 -15.82 -6.84
N LEU A 87 -6.40 -14.66 -7.48
CA LEU A 87 -7.47 -13.69 -7.28
C LEU A 87 -8.09 -13.33 -8.64
N HIS A 88 -9.40 -13.51 -8.77
CA HIS A 88 -10.11 -13.10 -9.97
C HIS A 88 -10.90 -11.84 -9.63
N ILE A 89 -10.57 -10.75 -10.28
CA ILE A 89 -11.20 -9.48 -9.96
C ILE A 89 -12.15 -9.09 -11.06
N GLU A 90 -13.44 -9.09 -10.76
CA GLU A 90 -14.42 -8.61 -11.71
C GLU A 90 -14.45 -7.09 -11.65
N PHE A 91 -13.76 -6.45 -12.58
CA PHE A 91 -13.59 -5.01 -12.55
C PHE A 91 -14.58 -4.30 -13.45
N THR A 92 -15.18 -3.22 -12.94
CA THR A 92 -16.17 -2.48 -13.70
C THR A 92 -15.86 -1.00 -13.73
N ASN A 93 -15.62 -0.48 -14.93
CA ASN A 93 -15.37 0.94 -15.11
C ASN A 93 -16.68 1.69 -15.18
N THR A 94 -17.02 2.40 -14.11
CA THR A 94 -18.28 3.14 -14.12
C THR A 94 -18.12 4.56 -14.63
N MET A 95 -16.95 4.89 -15.15
CA MET A 95 -16.66 6.26 -15.57
C MET A 95 -16.94 6.44 -17.05
N ASP A 96 -16.82 7.67 -17.53
CA ASP A 96 -17.10 7.99 -18.93
C ASP A 96 -15.85 7.98 -19.81
N VAL A 97 -14.71 7.57 -19.26
CA VAL A 97 -13.46 7.47 -20.00
C VAL A 97 -12.92 6.07 -19.80
N ARG A 98 -12.05 5.61 -20.68
CA ARG A 98 -11.47 4.28 -20.47
C ARG A 98 -10.59 4.29 -19.22
N ALA A 99 -10.55 3.16 -18.53
CA ALA A 99 -9.78 3.03 -17.29
C ALA A 99 -9.32 1.59 -17.15
N SER A 100 -8.34 1.35 -16.28
CA SER A 100 -7.83 0.00 -16.12
C SER A 100 -7.31 -0.32 -14.73
N LEU A 101 -6.81 -1.52 -14.59
CA LEU A 101 -6.27 -1.97 -13.33
C LEU A 101 -4.92 -2.65 -13.57
N HIS A 102 -3.86 -2.03 -13.08
CA HIS A 102 -2.51 -2.54 -13.27
C HIS A 102 -1.86 -2.85 -11.92
N VAL A 103 -1.31 -4.06 -11.77
CA VAL A 103 -0.71 -4.44 -10.50
C VAL A 103 0.81 -4.59 -10.59
N HIS A 104 1.49 -4.21 -9.50
CA HIS A 104 2.91 -4.47 -9.35
C HIS A 104 3.16 -5.84 -8.69
N GLY A 105 4.28 -6.47 -9.01
CA GLY A 105 4.76 -7.62 -8.27
C GLY A 105 4.12 -8.97 -8.50
N LEU A 106 2.81 -8.98 -8.63
CA LEU A 106 2.07 -10.24 -8.73
C LEU A 106 2.16 -10.78 -10.16
N ASP A 107 2.01 -12.10 -10.30
CA ASP A 107 1.95 -12.73 -11.63
C ASP A 107 0.64 -12.42 -12.33
N TYR A 108 0.71 -11.95 -13.56
CA TYR A 108 -0.48 -11.83 -14.38
C TYR A 108 -0.09 -12.10 -15.83
N GLU A 109 -0.99 -12.67 -16.59
CA GLU A 109 -0.74 -12.86 -18.00
C GLU A 109 -0.96 -11.53 -18.67
N ILE A 110 -0.52 -11.43 -19.91
CA ILE A 110 -0.48 -10.15 -20.57
C ILE A 110 -1.92 -9.63 -20.79
N SER A 111 -2.87 -10.58 -20.74
CA SER A 111 -4.33 -10.31 -20.79
C SER A 111 -4.79 -9.35 -19.68
N SER A 112 -4.03 -9.31 -18.58
CA SER A 112 -4.43 -8.53 -17.41
C SER A 112 -3.35 -7.50 -17.09
N ASP A 113 -2.61 -7.11 -18.12
CA ASP A 113 -1.62 -6.04 -18.07
C ASP A 113 -2.21 -4.72 -17.59
N GLY A 114 -3.45 -4.44 -17.98
CA GLY A 114 -4.08 -3.16 -17.70
C GLY A 114 -3.65 -2.02 -18.62
N THR A 115 -3.05 -2.35 -19.77
CA THR A 115 -2.58 -1.33 -20.70
C THR A 115 -3.41 -1.23 -21.98
N ALA A 116 -3.38 -0.05 -22.60
CA ALA A 116 -4.09 0.15 -23.87
C ALA A 116 -3.40 -0.68 -24.95
N MET A 117 -2.08 -0.65 -24.94
CA MET A 117 -1.28 -1.39 -25.91
C MET A 117 -1.73 -2.86 -26.04
N ASN A 118 -2.01 -3.56 -24.93
CA ASN A 118 -2.45 -4.93 -25.17
C ASN A 118 -3.92 -5.09 -24.92
N LYS A 119 -4.66 -4.05 -25.30
CA LYS A 119 -6.12 -4.08 -25.32
C LYS A 119 -6.69 -4.65 -24.03
N SER A 120 -6.15 -4.19 -22.91
CA SER A 120 -6.31 -4.82 -21.61
C SER A 120 -7.03 -3.85 -20.66
N ASP A 121 -7.36 -2.67 -21.17
CA ASP A 121 -8.12 -1.69 -20.41
C ASP A 121 -9.62 -1.90 -20.62
N VAL A 122 -10.44 -0.99 -20.10
CA VAL A 122 -11.88 -1.19 -20.06
C VAL A 122 -12.67 0.05 -20.53
N GLU A 123 -13.55 -0.15 -21.52
CA GLU A 123 -14.38 0.94 -22.04
C GLU A 123 -15.33 1.45 -20.97
N PRO A 124 -15.86 2.67 -21.14
CA PRO A 124 -16.79 3.23 -20.15
C PRO A 124 -17.98 2.32 -19.93
N GLY A 125 -18.35 2.10 -18.66
CA GLY A 125 -19.44 1.21 -18.33
C GLY A 125 -19.08 -0.26 -18.48
N GLY A 126 -17.89 -0.52 -18.99
CA GLY A 126 -17.46 -1.89 -19.27
C GLY A 126 -17.07 -2.74 -18.06
N THR A 127 -16.89 -4.03 -18.30
CA THR A 127 -16.55 -4.96 -17.25
C THR A 127 -15.52 -5.96 -17.75
N ARG A 128 -14.51 -6.22 -16.95
CA ARG A 128 -13.46 -7.14 -17.36
C ARG A 128 -12.99 -7.90 -16.13
N THR A 129 -12.59 -9.15 -16.32
CA THR A 129 -12.06 -9.91 -15.22
C THR A 129 -10.55 -9.99 -15.30
N TYR A 130 -9.89 -9.32 -14.38
CA TYR A 130 -8.44 -9.42 -14.27
C TYR A 130 -8.09 -10.64 -13.43
N THR A 131 -6.96 -11.26 -13.71
CA THR A 131 -6.51 -12.35 -12.86
C THR A 131 -5.08 -12.11 -12.38
N TRP A 132 -4.92 -12.17 -11.06
CA TRP A 132 -3.62 -12.06 -10.42
C TRP A 132 -3.30 -13.38 -9.77
N ARG A 133 -2.13 -13.91 -10.04
CA ARG A 133 -1.67 -15.09 -9.31
C ARG A 133 -0.44 -14.75 -8.49
N THR A 134 -0.14 -15.61 -7.53
CA THR A 134 1.02 -15.46 -6.66
C THR A 134 1.62 -16.83 -6.45
N HIS A 135 2.93 -16.90 -6.21
CA HIS A 135 3.59 -18.17 -6.04
C HIS A 135 4.51 -18.17 -4.82
N LYS A 136 4.78 -19.37 -4.30
CA LYS A 136 5.72 -19.53 -3.20
C LYS A 136 7.13 -19.64 -3.78
N PRO A 137 8.15 -19.30 -2.98
CA PRO A 137 9.52 -19.51 -3.47
C PRO A 137 9.87 -20.98 -3.53
N GLY A 138 10.91 -21.36 -4.27
CA GLY A 138 11.40 -22.73 -4.28
C GLY A 138 12.48 -22.97 -5.31
N ARG A 139 13.10 -24.16 -5.29
CA ARG A 139 14.12 -24.53 -6.27
C ARG A 139 13.55 -24.69 -7.67
N ARG A 140 14.27 -24.15 -8.65
CA ARG A 140 14.02 -24.48 -10.05
C ARG A 140 14.82 -25.72 -10.43
N ASP A 141 14.54 -26.28 -11.59
CA ASP A 141 15.27 -27.45 -12.07
C ASP A 141 16.76 -27.18 -12.25
N ASP A 142 17.11 -25.97 -12.68
CA ASP A 142 18.52 -25.62 -12.87
C ASP A 142 19.22 -25.45 -11.53
N GLY A 143 18.50 -25.65 -10.43
CA GLY A 143 19.09 -25.60 -9.11
C GLY A 143 19.00 -24.24 -8.44
N THR A 144 18.57 -23.23 -9.19
CA THR A 144 18.47 -21.87 -8.66
C THR A 144 17.19 -21.63 -7.84
N TRP A 145 17.12 -20.48 -7.20
CA TRP A 145 16.04 -20.21 -6.27
C TRP A 145 15.08 -19.18 -6.82
N ARG A 146 13.84 -19.62 -7.07
CA ARG A 146 12.79 -18.73 -7.52
C ARG A 146 12.22 -17.94 -6.34
N PRO A 147 12.20 -16.59 -6.45
CA PRO A 147 11.62 -15.75 -5.42
C PRO A 147 10.11 -15.92 -5.32
N GLY A 148 9.56 -15.79 -4.12
CA GLY A 148 8.12 -15.81 -3.96
C GLY A 148 7.51 -14.47 -4.35
N SER A 149 6.19 -14.37 -4.29
CA SER A 149 5.49 -13.12 -4.63
C SER A 149 5.38 -12.21 -3.43
N ALA A 150 5.76 -12.70 -2.26
CA ALA A 150 5.46 -11.98 -1.02
C ALA A 150 6.09 -10.59 -1.00
N GLY A 151 5.33 -9.62 -0.49
CA GLY A 151 5.84 -8.27 -0.32
C GLY A 151 4.77 -7.19 -0.27
N TYR A 152 5.20 -5.94 -0.26
CA TYR A 152 4.29 -4.81 -0.23
C TYR A 152 4.21 -4.21 -1.63
N TRP A 153 3.05 -4.34 -2.24
CA TRP A 153 2.83 -3.98 -3.64
C TRP A 153 1.69 -2.98 -3.74
N HIS A 154 1.27 -2.67 -4.96
CA HIS A 154 0.20 -1.72 -5.17
C HIS A 154 -0.42 -1.88 -6.55
N TYR A 155 -1.58 -1.25 -6.76
CA TYR A 155 -2.26 -1.28 -8.04
C TYR A 155 -2.69 0.14 -8.39
N HIS A 156 -2.76 0.43 -9.68
CA HIS A 156 -3.20 1.75 -10.14
C HIS A 156 -3.68 1.70 -11.57
N ASP A 157 -4.30 2.79 -12.01
CA ASP A 157 -4.73 2.91 -13.38
C ASP A 157 -3.54 3.15 -14.34
N HIS A 158 -3.68 2.69 -15.58
CA HIS A 158 -2.62 2.85 -16.58
C HIS A 158 -3.11 3.52 -17.87
N VAL A 159 -4.34 4.04 -17.90
CA VAL A 159 -4.85 4.59 -19.16
C VAL A 159 -5.64 5.90 -19.06
N VAL A 160 -5.90 6.39 -17.85
CA VAL A 160 -6.62 7.66 -17.71
C VAL A 160 -5.68 8.86 -17.89
N GLY A 161 -5.99 9.73 -18.85
CA GLY A 161 -5.22 10.93 -19.07
C GLY A 161 -4.05 10.70 -20.01
N THR A 162 -3.27 9.66 -19.77
CA THR A 162 -2.20 9.28 -20.67
C THR A 162 -2.14 7.76 -20.66
N GLU A 163 -1.35 7.20 -21.56
CA GLU A 163 -1.19 5.76 -21.61
C GLU A 163 -0.33 5.25 -20.46
N HIS A 164 0.04 6.12 -19.55
CA HIS A 164 0.74 5.68 -18.36
C HIS A 164 -0.06 6.00 -17.11
N GLY A 165 -1.31 6.40 -17.33
CA GLY A 165 -2.27 6.59 -16.26
C GLY A 165 -2.01 7.85 -15.47
N THR A 166 -1.24 8.77 -16.02
CA THR A 166 -0.85 9.96 -15.27
C THR A 166 -2.06 10.67 -14.66
N GLY A 167 -3.14 10.76 -15.42
CA GLY A 167 -4.35 11.40 -14.95
C GLY A 167 -5.07 10.59 -13.89
N GLY A 168 -5.12 9.27 -14.10
CA GLY A 168 -5.80 8.37 -13.17
C GLY A 168 -5.12 8.39 -11.82
N ILE A 169 -3.80 8.20 -11.83
CA ILE A 169 -2.99 8.27 -10.62
C ILE A 169 -3.13 9.62 -9.93
N ARG A 170 -3.07 10.70 -10.68
CA ARG A 170 -3.22 12.00 -10.05
C ARG A 170 -4.58 12.12 -9.37
N ASN A 171 -5.61 11.51 -9.96
CA ASN A 171 -6.96 11.67 -9.41
C ASN A 171 -7.29 10.74 -8.25
N GLY A 172 -6.47 9.71 -8.02
CA GLY A 172 -6.68 8.89 -6.85
C GLY A 172 -6.82 7.41 -7.14
N LEU A 173 -6.60 7.03 -8.39
CA LEU A 173 -6.73 5.64 -8.77
C LEU A 173 -5.49 4.82 -8.42
N TYR A 174 -5.31 4.60 -7.12
CA TYR A 174 -4.24 3.74 -6.60
C TYR A 174 -4.70 3.07 -5.33
N GLY A 175 -4.07 1.96 -4.99
CA GLY A 175 -4.37 1.28 -3.74
C GLY A 175 -3.30 0.26 -3.45
N PRO A 176 -3.25 -0.24 -2.21
CA PRO A 176 -2.23 -1.17 -1.76
C PRO A 176 -2.59 -2.64 -1.93
N VAL A 177 -1.57 -3.47 -2.15
CA VAL A 177 -1.70 -4.92 -2.18
C VAL A 177 -0.64 -5.55 -1.29
N ILE A 178 -1.04 -6.43 -0.37
CA ILE A 178 -0.07 -7.14 0.45
C ILE A 178 -0.10 -8.63 0.15
N VAL A 179 1.06 -9.25 -0.03
CA VAL A 179 1.13 -10.70 -0.22
C VAL A 179 1.97 -11.29 0.90
N ARG A 180 1.39 -12.21 1.67
CA ARG A 180 2.07 -12.76 2.84
C ARG A 180 2.80 -14.04 2.51
N ARG A 181 3.99 -14.21 3.07
CA ARG A 181 4.64 -15.50 3.04
C ARG A 181 4.17 -16.33 4.22
N LYS A 182 4.08 -17.65 4.07
CA LYS A 182 3.68 -18.51 5.17
C LYS A 182 4.57 -18.25 6.37
N GLY A 183 3.97 -17.86 7.49
CA GLY A 183 4.73 -17.64 8.70
C GLY A 183 5.07 -16.18 8.95
N ASP A 184 4.71 -15.30 8.01
CA ASP A 184 4.87 -13.85 8.20
C ASP A 184 4.07 -13.39 9.41
N VAL A 185 4.62 -12.49 10.23
CA VAL A 185 3.89 -11.94 11.36
C VAL A 185 2.75 -11.02 10.91
N LEU A 186 1.54 -11.26 11.43
CA LEU A 186 0.37 -10.42 11.13
C LEU A 186 0.20 -9.29 12.15
N PRO A 187 -0.25 -8.10 11.69
CA PRO A 187 -0.36 -6.91 12.55
C PRO A 187 -1.71 -6.77 13.24
N ASP A 188 -1.82 -5.80 14.12
CA ASP A 188 -3.11 -5.46 14.71
C ASP A 188 -3.91 -4.63 13.71
N ALA A 189 -3.23 -3.78 12.97
CA ALA A 189 -3.88 -2.89 12.01
C ALA A 189 -2.89 -2.48 10.94
N THR A 190 -3.39 -2.23 9.73
CA THR A 190 -2.56 -1.80 8.62
C THR A 190 -3.00 -0.42 8.15
N HIS A 191 -2.06 0.50 8.00
CA HIS A 191 -2.39 1.80 7.45
C HIS A 191 -1.64 2.05 6.14
N THR A 192 -2.28 2.74 5.21
CA THR A 192 -1.66 3.01 3.93
C THR A 192 -1.31 4.48 3.84
N ILE A 193 -0.04 4.78 3.55
CA ILE A 193 0.38 6.16 3.36
C ILE A 193 0.97 6.35 1.97
N VAL A 194 0.33 7.22 1.19
CA VAL A 194 0.72 7.40 -0.20
C VAL A 194 1.16 8.83 -0.47
N PHE A 195 2.43 9.01 -0.81
CA PHE A 195 2.91 10.31 -1.22
C PHE A 195 2.61 10.45 -2.70
N ASN A 196 1.55 11.19 -3.01
CA ASN A 196 1.13 11.38 -4.39
C ASN A 196 1.33 12.81 -4.81
N ASP A 197 2.33 13.02 -5.66
CA ASP A 197 2.87 14.35 -5.93
C ASP A 197 3.10 15.05 -4.59
N MET A 198 2.48 16.20 -4.36
CA MET A 198 2.69 16.92 -3.10
C MET A 198 1.59 16.71 -2.06
N THR A 199 0.95 15.55 -2.08
CA THR A 199 -0.13 15.29 -1.14
C THR A 199 0.15 14.01 -0.40
N ILE A 200 -0.44 13.85 0.77
CA ILE A 200 -0.55 12.53 1.38
C ILE A 200 -1.96 12.07 1.14
N ASN A 201 -2.11 10.94 0.45
CA ASN A 201 -3.41 10.35 0.14
C ASN A 201 -4.38 11.33 -0.50
N ASN A 202 -3.85 12.18 -1.39
CA ASN A 202 -4.64 13.19 -2.12
C ASN A 202 -5.34 14.21 -1.23
N ARG A 203 -4.93 14.32 0.02
CA ARG A 203 -5.54 15.29 0.93
C ARG A 203 -4.97 16.68 0.77
N LYS A 204 -5.77 17.69 1.11
CA LYS A 204 -5.29 19.06 1.08
C LYS A 204 -4.17 19.22 2.11
N PRO A 205 -3.24 20.13 1.83
CA PRO A 205 -2.10 20.40 2.72
C PRO A 205 -2.48 20.49 4.20
N HIS A 206 -1.68 19.89 5.07
CA HIS A 206 -1.88 19.96 6.52
C HIS A 206 -3.23 19.44 6.95
N THR A 207 -3.64 18.28 6.45
CA THR A 207 -4.89 17.71 6.91
C THR A 207 -4.71 16.20 7.12
N GLY A 208 -3.51 15.82 7.52
CA GLY A 208 -3.23 14.44 7.85
C GLY A 208 -2.93 13.59 6.62
N PRO A 209 -3.34 12.33 6.63
CA PRO A 209 -4.16 11.68 7.68
C PRO A 209 -3.46 11.47 9.01
N ASP A 210 -4.24 11.35 10.08
CA ASP A 210 -3.71 10.94 11.38
C ASP A 210 -4.15 9.52 11.66
N PHE A 211 -3.34 8.78 12.40
CA PHE A 211 -3.67 7.40 12.73
C PHE A 211 -3.54 7.24 14.22
N GLU A 212 -4.33 6.37 14.81
CA GLU A 212 -4.31 6.21 16.24
C GLU A 212 -3.89 4.80 16.59
N ALA A 213 -3.15 4.67 17.68
CA ALA A 213 -2.87 3.37 18.25
C ALA A 213 -2.77 3.48 19.77
N THR A 214 -2.73 2.34 20.44
CA THR A 214 -2.47 2.30 21.85
C THR A 214 -1.07 1.76 22.02
N VAL A 215 -0.36 2.23 23.03
CA VAL A 215 0.97 1.74 23.33
C VAL A 215 0.96 0.22 23.28
N GLY A 216 1.86 -0.34 22.48
CA GLY A 216 2.00 -1.78 22.39
C GLY A 216 1.32 -2.45 21.20
N ASP A 217 0.52 -1.69 20.45
CA ASP A 217 -0.12 -2.23 19.25
C ASP A 217 0.93 -2.60 18.21
N ARG A 218 0.69 -3.68 17.48
CA ARG A 218 1.52 -4.00 16.32
C ARG A 218 0.90 -3.34 15.10
N VAL A 219 1.51 -2.23 14.68
CA VAL A 219 0.99 -1.44 13.57
C VAL A 219 1.78 -1.68 12.28
N GLU A 220 1.07 -1.99 11.20
CA GLU A 220 1.69 -2.17 9.90
C GLU A 220 1.48 -0.94 9.02
N ILE A 221 2.55 -0.48 8.38
CA ILE A 221 2.47 0.63 7.45
C ILE A 221 2.81 0.17 6.03
N VAL A 222 1.96 0.54 5.07
CA VAL A 222 2.23 0.31 3.66
C VAL A 222 2.48 1.66 3.03
N MET A 223 3.68 1.87 2.51
CA MET A 223 4.03 3.21 2.06
C MET A 223 4.38 3.17 0.58
N ILE A 224 3.68 4.02 -0.17
CA ILE A 224 3.69 4.04 -1.63
C ILE A 224 3.89 5.48 -2.13
N THR A 225 4.59 5.65 -3.24
CA THR A 225 4.82 6.98 -3.80
C THR A 225 4.33 7.02 -5.23
N HIS A 226 3.78 8.15 -5.66
CA HIS A 226 3.25 8.29 -7.01
C HIS A 226 3.50 9.68 -7.55
N GLY A 227 3.56 9.81 -8.89
CA GLY A 227 3.60 11.11 -9.54
C GLY A 227 4.94 11.54 -10.11
N GLU A 228 5.37 12.76 -9.77
CA GLU A 228 6.52 13.41 -10.37
C GLU A 228 7.77 13.48 -9.50
N TYR A 229 7.59 13.43 -8.18
CA TYR A 229 8.64 13.87 -7.26
C TYR A 229 9.18 12.76 -6.40
N TYR A 230 10.43 12.91 -5.98
CA TYR A 230 11.00 12.03 -4.95
C TYR A 230 10.62 12.61 -3.58
N HIS A 231 10.48 11.75 -2.58
CA HIS A 231 10.24 12.18 -1.21
C HIS A 231 11.13 11.40 -0.24
N THR A 232 11.20 11.84 1.00
CA THR A 232 11.74 10.98 2.05
C THR A 232 10.73 10.82 3.20
N PHE A 233 10.29 9.59 3.41
CA PHE A 233 9.38 9.27 4.48
C PHE A 233 10.10 9.18 5.84
N HIS A 234 9.64 9.95 6.83
CA HIS A 234 10.23 9.94 8.17
C HIS A 234 9.18 9.78 9.28
N MET A 235 9.49 8.95 10.29
CA MET A 235 8.65 8.75 11.46
C MET A 235 9.38 9.09 12.75
N HIS A 236 8.79 9.97 13.56
CA HIS A 236 9.32 10.23 14.89
C HIS A 236 9.12 9.02 15.81
N GLY A 237 10.11 8.78 16.67
CA GLY A 237 9.96 7.79 17.73
C GLY A 237 9.93 6.32 17.37
N HIS A 238 9.99 6.01 16.07
CA HIS A 238 9.91 4.63 15.61
C HIS A 238 10.91 4.36 14.49
N ARG A 239 11.28 3.10 14.30
CA ARG A 239 12.27 2.75 13.26
C ARG A 239 11.89 1.37 12.79
N TRP A 240 12.44 0.95 11.65
CA TRP A 240 12.18 -0.38 11.12
C TRP A 240 13.38 -0.85 10.30
N ALA A 241 13.34 -2.10 9.84
CA ALA A 241 14.41 -2.68 9.05
C ALA A 241 14.18 -2.44 7.56
N ASP A 242 15.22 -2.07 6.83
CA ASP A 242 15.08 -1.85 5.42
C ASP A 242 15.26 -3.16 4.64
N ASN A 243 14.31 -4.07 4.80
CA ASN A 243 14.27 -5.31 4.03
C ASN A 243 12.85 -5.62 3.58
N ARG A 244 12.59 -6.88 3.25
CA ARG A 244 11.28 -7.23 2.69
C ARG A 244 10.12 -6.90 3.63
N THR A 245 10.23 -7.34 4.88
CA THR A 245 9.13 -7.24 5.83
C THR A 245 9.19 -6.05 6.75
N GLY A 246 10.34 -5.39 6.82
CA GLY A 246 10.53 -4.30 7.76
C GLY A 246 10.89 -4.80 9.15
N ILE A 247 11.03 -6.11 9.28
CA ILE A 247 11.35 -6.75 10.53
C ILE A 247 12.65 -7.52 10.41
N LEU A 248 13.48 -7.47 11.45
CA LEU A 248 14.67 -8.28 11.47
C LEU A 248 14.29 -9.71 11.83
N THR A 249 14.84 -10.64 11.05
CA THR A 249 14.56 -12.06 11.19
C THR A 249 15.11 -12.60 12.54
N GLY A 250 16.22 -12.03 12.98
CA GLY A 250 16.94 -12.45 14.17
C GLY A 250 18.29 -11.77 14.07
N PRO A 251 19.27 -12.19 14.90
CA PRO A 251 20.54 -11.47 15.02
C PRO A 251 21.43 -11.47 13.78
N ASP A 252 21.17 -12.34 12.80
CA ASP A 252 22.06 -12.48 11.64
C ASP A 252 21.77 -11.51 10.49
N ASP A 253 20.59 -10.88 10.51
CA ASP A 253 20.18 -9.97 9.44
C ASP A 253 20.99 -8.66 9.50
N PRO A 254 21.79 -8.37 8.46
CA PRO A 254 22.63 -7.16 8.48
C PRO A 254 21.94 -5.91 7.93
N SER A 255 20.64 -5.97 7.64
CA SER A 255 19.93 -4.86 7.01
C SER A 255 20.04 -3.62 7.87
N ARG A 256 20.16 -2.46 7.23
CA ARG A 256 20.17 -1.21 7.97
C ARG A 256 18.84 -1.02 8.69
N VAL A 257 18.90 -0.58 9.94
CA VAL A 257 17.70 -0.15 10.65
C VAL A 257 17.56 1.36 10.47
N ILE A 258 16.37 1.81 10.06
CA ILE A 258 16.18 3.18 9.60
C ILE A 258 14.91 3.83 10.15
N ASP A 259 14.83 5.16 10.00
CA ASP A 259 13.57 5.85 10.30
C ASP A 259 13.25 6.89 9.24
N ASN A 260 13.92 6.76 8.10
CA ASN A 260 13.90 7.75 7.03
C ASN A 260 14.27 7.03 5.74
N LYS A 261 13.48 7.17 4.69
CA LYS A 261 13.71 6.41 3.45
C LYS A 261 13.37 7.22 2.23
N ILE A 262 14.28 7.26 1.26
CA ILE A 262 14.00 8.01 0.03
C ILE A 262 13.15 7.15 -0.88
N THR A 263 12.10 7.75 -1.45
CA THR A 263 11.21 7.02 -2.35
C THR A 263 10.88 7.86 -3.56
N GLY A 264 10.64 7.19 -4.68
CA GLY A 264 10.22 7.85 -5.89
C GLY A 264 8.98 7.16 -6.45
N PRO A 265 8.42 7.71 -7.54
CA PRO A 265 7.16 7.25 -8.12
C PRO A 265 7.10 5.76 -8.35
N ALA A 266 6.07 5.14 -7.74
CA ALA A 266 5.71 3.74 -7.83
C ALA A 266 6.59 2.84 -6.96
N ASP A 267 7.38 3.43 -6.09
CA ASP A 267 8.03 2.65 -5.05
C ASP A 267 7.00 2.18 -4.03
N SER A 268 7.16 0.96 -3.54
CA SER A 268 6.36 0.54 -2.41
C SER A 268 7.22 -0.23 -1.43
N PHE A 269 6.98 0.02 -0.15
CA PHE A 269 7.56 -0.82 0.89
C PHE A 269 6.63 -0.86 2.08
N GLY A 270 6.97 -1.67 3.08
CA GLY A 270 6.11 -1.80 4.22
C GLY A 270 6.88 -2.27 5.42
N PHE A 271 6.31 -2.07 6.60
CA PHE A 271 6.97 -2.52 7.81
C PHE A 271 5.98 -2.65 8.95
N GLN A 272 6.43 -3.22 10.06
CA GLN A 272 5.61 -3.20 11.26
C GLN A 272 6.41 -2.61 12.40
N ILE A 273 5.74 -1.89 13.29
CA ILE A 273 6.36 -1.36 14.48
C ILE A 273 5.49 -1.67 15.69
N ILE A 274 6.08 -1.60 16.88
CA ILE A 274 5.28 -1.65 18.10
C ILE A 274 5.04 -0.23 18.55
N ALA A 275 3.79 0.21 18.52
CA ALA A 275 3.46 1.59 18.85
C ALA A 275 4.04 2.00 20.19
N GLY A 276 4.89 3.02 20.19
CA GLY A 276 5.40 3.55 21.43
C GLY A 276 6.46 2.71 22.12
N GLU A 277 6.94 1.65 21.47
CA GLU A 277 7.96 0.78 22.07
C GLU A 277 9.20 1.57 22.45
N GLY A 278 9.51 1.59 23.76
CA GLY A 278 10.66 2.29 24.28
C GLY A 278 10.52 3.82 24.37
N VAL A 279 9.39 4.36 23.93
CA VAL A 279 9.25 5.79 23.83
C VAL A 279 7.97 6.30 24.49
N GLY A 280 7.02 5.39 24.69
CA GLY A 280 5.74 5.73 25.30
C GLY A 280 4.74 6.46 24.41
N ALA A 281 3.62 6.84 25.02
CA ALA A 281 2.55 7.52 24.32
C ALA A 281 2.96 8.91 23.85
N GLY A 282 2.26 9.42 22.85
CA GLY A 282 2.60 10.72 22.33
C GLY A 282 1.98 10.96 20.98
N ALA A 283 1.99 12.23 20.59
CA ALA A 283 1.56 12.62 19.26
C ALA A 283 2.80 12.64 18.39
N TRP A 284 3.11 11.49 17.79
CA TRP A 284 4.30 11.32 16.99
C TRP A 284 4.11 11.73 15.52
N MET A 285 4.85 12.74 15.06
CA MET A 285 4.75 13.15 13.66
C MET A 285 5.35 12.13 12.73
N TYR A 286 4.75 12.02 11.55
CA TYR A 286 5.43 11.44 10.41
C TYR A 286 5.31 12.49 9.32
N HIS A 287 6.30 12.57 8.43
CA HIS A 287 6.26 13.56 7.35
C HIS A 287 7.28 13.27 6.27
N CYS A 288 7.12 13.92 5.14
CA CYS A 288 8.19 13.95 4.15
C CYS A 288 9.27 14.82 4.75
N HIS A 289 10.54 14.40 4.65
CA HIS A 289 11.59 15.20 5.26
C HIS A 289 12.20 16.16 4.27
N VAL A 290 11.74 16.16 3.03
CA VAL A 290 12.13 17.22 2.12
C VAL A 290 11.60 18.52 2.71
N GLN A 291 12.46 19.50 2.93
CA GLN A 291 12.10 20.59 3.82
C GLN A 291 10.89 21.42 3.34
N SER A 292 10.79 21.71 2.05
CA SER A 292 9.66 22.52 1.57
C SER A 292 8.37 21.70 1.56
N HIS A 293 8.50 20.40 1.36
CA HIS A 293 7.35 19.49 1.41
C HIS A 293 6.67 19.44 2.77
N SER A 294 7.46 19.27 3.83
CA SER A 294 6.89 19.25 5.17
C SER A 294 6.32 20.64 5.47
N ASP A 295 7.07 21.67 5.09
CA ASP A 295 6.63 23.04 5.27
C ASP A 295 5.30 23.32 4.57
N MET A 296 5.10 22.71 3.41
CA MET A 296 3.89 22.93 2.63
C MET A 296 2.76 21.97 2.98
N GLY A 297 2.97 21.09 3.95
CA GLY A 297 1.87 20.28 4.44
C GLY A 297 1.90 18.78 4.34
N MET A 298 3.01 18.20 3.87
CA MET A 298 3.08 16.74 3.83
C MET A 298 3.44 16.20 5.22
N VAL A 299 2.49 16.34 6.14
CA VAL A 299 2.68 16.01 7.55
C VAL A 299 1.44 15.33 8.10
N GLY A 300 1.63 14.36 8.99
CA GLY A 300 0.52 13.73 9.67
C GLY A 300 0.91 13.34 11.08
N LEU A 301 0.00 12.71 11.82
CA LEU A 301 0.28 12.31 13.19
C LEU A 301 0.01 10.84 13.42
N PHE A 302 0.94 10.20 14.10
CA PHE A 302 0.74 8.86 14.59
C PHE A 302 0.42 9.01 16.09
N LEU A 303 -0.87 9.00 16.40
CA LEU A 303 -1.35 9.28 17.75
C LEU A 303 -1.32 8.03 18.61
N VAL A 304 -0.28 7.91 19.44
CA VAL A 304 -0.17 6.74 20.30
C VAL A 304 -0.66 7.06 21.71
N LYS A 305 -1.68 6.33 22.15
CA LYS A 305 -2.43 6.63 23.37
C LYS A 305 -2.09 5.69 24.51
N LYS A 306 -2.18 6.21 25.74
CA LYS A 306 -2.18 5.36 26.93
C LYS A 306 -3.51 4.64 26.95
N PRO A 307 -3.65 3.58 27.76
CA PRO A 307 -4.95 2.85 27.83
C PRO A 307 -6.18 3.73 28.16
N ASP A 308 -5.96 4.79 28.95
CA ASP A 308 -7.03 5.73 29.26
C ASP A 308 -7.35 6.63 28.07
N GLY A 309 -6.67 6.40 26.96
CA GLY A 309 -6.89 7.19 25.76
C GLY A 309 -6.20 8.55 25.73
N THR A 310 -5.43 8.88 26.75
CA THR A 310 -4.80 10.20 26.74
C THR A 310 -3.44 10.18 26.07
N ILE A 311 -3.06 11.35 25.57
CA ILE A 311 -1.79 11.53 24.89
C ILE A 311 -1.06 12.70 25.53
N PRO A 312 0.09 12.41 26.16
CA PRO A 312 0.96 13.39 26.82
C PRO A 312 1.22 14.62 25.97
N GLY A 313 0.79 15.80 26.42
CA GLY A 313 1.17 17.04 25.75
C GLY A 313 0.46 17.25 24.43
N TYR A 314 -0.61 16.50 24.22
CA TYR A 314 -1.48 16.68 23.05
C TYR A 314 -2.77 17.36 23.44
N GLU A 315 -3.07 18.45 22.73
CA GLU A 315 -4.25 19.33 22.94
C GLU A 315 -4.62 19.55 24.41
#